data_5LXQ
#
_entry.id   5LXQ
#
_cell.length_a   166.930
_cell.length_b   125.560
_cell.length_c   61.040
_cell.angle_alpha   90.00
_cell.angle_beta   111.43
_cell.angle_gamma   90.00
#
_symmetry.space_group_name_H-M   'C 1 2 1'
#
loop_
_entity.id
_entity.type
_entity.pdbx_description
1 polymer 'Protein tyrosine phosphatase type IVA 1'
2 polymer 'Metal transporter CNNM2'
3 non-polymer "ADENOSINE-5'-TRIPHOSPHATE"
4 non-polymer 'ZINC ION'
#
loop_
_entity_poly.entity_id
_entity_poly.type
_entity_poly.pdbx_seq_one_letter_code
_entity_poly.pdbx_strand_id
1 'polypeptide(L)'
;MSYYHHHHHHLESTSLYKKAGFTMARMNRPAPVEVTYKNMRFLITHNPTNATLNKFIEELKKYGVTTIVRVCEATYDTTL
VEKEGIHVLDWPFDDGAPPSNQIVDDWLSLVKIKFREEPGCCIAVHCVAGLGRAPVLVALALIEGGMKYEDAVQFIRQKR
RGAFNSKQLLYLEKYRPKMRLRFKDSNGHRNNCCIQ
;
B,C
2 'polypeptide(L)'
;MEELNIIQGALELRTKTVEDVMTPLRDCFMITGEAILDFNTMSEIMESGYTRIPVFEGERSNIVDLLFVKDLAFVDPDDC
TPLKTITKFYNHPLHFVFNDTKLDAMLEEFKKGKSHLAIVQRVNNEGEGDPFYEVLGIVTLEDVIEEIIKSEILDE
;
A,H
#
# COMPACT_ATOMS: atom_id res chain seq x y z
N PRO A 32 -14.58 -24.16 -15.86
CA PRO A 32 -15.14 -24.36 -17.22
C PRO A 32 -14.00 -24.56 -18.21
N VAL A 33 -13.66 -25.80 -18.49
CA VAL A 33 -12.52 -26.13 -19.33
C VAL A 33 -12.88 -26.94 -20.55
N GLU A 34 -12.51 -26.43 -21.73
CA GLU A 34 -12.83 -27.06 -23.00
C GLU A 34 -11.74 -28.02 -23.44
N VAL A 35 -12.15 -29.17 -23.98
CA VAL A 35 -11.23 -30.19 -24.45
C VAL A 35 -11.63 -30.61 -25.87
N THR A 36 -10.74 -30.50 -26.83
CA THR A 36 -11.16 -30.84 -28.19
C THR A 36 -10.27 -31.94 -28.73
N TYR A 37 -10.83 -32.94 -29.38
CA TYR A 37 -10.02 -33.93 -30.09
C TYR A 37 -10.80 -34.55 -31.22
N LYS A 38 -10.19 -34.76 -32.38
CA LYS A 38 -10.90 -35.28 -33.55
C LYS A 38 -12.20 -34.51 -33.83
N ASN A 39 -13.31 -35.24 -33.83
CA ASN A 39 -14.64 -34.64 -33.99
C ASN A 39 -15.33 -34.42 -32.65
N MET A 40 -14.78 -34.99 -31.59
CA MET A 40 -15.41 -34.93 -30.27
C MET A 40 -14.91 -33.77 -29.39
N ARG A 41 -15.82 -33.14 -28.69
CA ARG A 41 -15.53 -31.97 -27.87
C ARG A 41 -16.18 -32.06 -26.51
N PHE A 42 -15.42 -31.90 -25.45
CA PHE A 42 -15.99 -32.03 -24.11
C PHE A 42 -15.80 -30.73 -23.31
N LEU A 43 -16.64 -30.51 -22.31
CA LEU A 43 -16.48 -29.33 -21.46
C LEU A 43 -16.64 -29.67 -20.01
N ILE A 44 -15.57 -29.57 -19.21
CA ILE A 44 -15.66 -29.88 -17.78
C ILE A 44 -15.86 -28.62 -16.97
N THR A 45 -16.96 -28.55 -16.23
CA THR A 45 -17.33 -27.32 -15.53
C THR A 45 -17.46 -27.49 -14.05
N HIS A 46 -17.48 -26.34 -13.39
CA HIS A 46 -17.80 -26.27 -11.98
C HIS A 46 -19.24 -26.67 -11.79
N ASN A 47 -19.58 -27.14 -10.62
CA ASN A 47 -20.96 -27.37 -10.32
C ASN A 47 -21.73 -26.13 -9.86
N PRO A 48 -22.83 -25.81 -10.56
CA PRO A 48 -23.63 -24.62 -10.31
C PRO A 48 -24.49 -24.72 -9.07
N THR A 49 -24.96 -23.56 -8.64
CA THR A 49 -25.99 -23.45 -7.62
C THR A 49 -27.34 -23.28 -8.31
N ASN A 50 -28.42 -23.26 -7.53
CA ASN A 50 -29.77 -23.20 -8.10
C ASN A 50 -30.10 -21.86 -8.74
N ALA A 51 -29.58 -20.79 -8.14
CA ALA A 51 -29.86 -19.44 -8.61
C ALA A 51 -29.00 -19.08 -9.83
N THR A 52 -27.80 -19.64 -9.90
CA THR A 52 -26.87 -19.30 -10.97
C THR A 52 -27.31 -19.89 -12.33
N LEU A 53 -28.40 -20.65 -12.35
CA LEU A 53 -28.85 -21.31 -13.59
C LEU A 53 -29.05 -20.31 -14.72
N ASN A 54 -29.61 -19.16 -14.37
CA ASN A 54 -29.77 -18.05 -15.32
C ASN A 54 -28.44 -17.71 -15.99
N LYS A 55 -27.38 -17.56 -15.18
CA LYS A 55 -26.02 -17.32 -15.70
C LYS A 55 -25.35 -18.60 -16.18
N PHE A 56 -25.88 -19.75 -15.76
CA PHE A 56 -25.27 -21.04 -16.11
C PHE A 56 -25.58 -21.46 -17.54
N ILE A 57 -26.87 -21.46 -17.88
CA ILE A 57 -27.36 -21.78 -19.21
C ILE A 57 -26.67 -20.91 -20.25
N GLU A 58 -26.62 -19.61 -19.93
CA GLU A 58 -25.97 -18.60 -20.75
C GLU A 58 -24.54 -19.08 -21.10
N GLU A 59 -23.82 -19.63 -20.12
CA GLU A 59 -22.48 -20.18 -20.36
C GLU A 59 -22.56 -21.42 -21.25
N LEU A 60 -23.44 -22.35 -20.88
CA LEU A 60 -23.46 -23.66 -21.53
C LEU A 60 -23.99 -23.54 -22.98
N LYS A 61 -24.90 -22.60 -23.21
CA LYS A 61 -25.38 -22.37 -24.56
C LYS A 61 -24.25 -21.80 -25.44
N LYS A 62 -23.28 -21.13 -24.82
CA LYS A 62 -22.23 -20.46 -25.59
C LYS A 62 -21.27 -21.47 -26.15
N TYR A 63 -20.90 -22.46 -25.34
CA TYR A 63 -19.99 -23.53 -25.73
C TYR A 63 -20.67 -24.52 -26.67
N GLY A 64 -21.99 -24.43 -26.75
CA GLY A 64 -22.74 -25.28 -27.65
C GLY A 64 -22.94 -26.69 -27.12
N VAL A 65 -23.36 -26.77 -25.87
CA VAL A 65 -23.61 -28.05 -25.22
C VAL A 65 -24.98 -28.60 -25.62
N THR A 66 -25.11 -29.92 -25.57
CA THR A 66 -26.41 -30.55 -25.77
C THR A 66 -26.78 -31.33 -24.52
N THR A 67 -25.90 -32.27 -24.16
CA THR A 67 -26.08 -33.19 -23.04
C THR A 67 -25.19 -32.82 -21.83
N ILE A 68 -25.66 -33.06 -20.61
CA ILE A 68 -24.84 -32.85 -19.42
C ILE A 68 -24.74 -34.15 -18.63
N VAL A 69 -23.54 -34.54 -18.23
CA VAL A 69 -23.44 -35.77 -17.48
C VAL A 69 -23.06 -35.50 -16.03
N ARG A 70 -23.99 -35.76 -15.12
CA ARG A 70 -23.74 -35.48 -13.74
C ARG A 70 -23.18 -36.74 -13.04
N VAL A 71 -21.91 -36.71 -12.63
CA VAL A 71 -21.28 -37.88 -12.07
C VAL A 71 -21.17 -37.89 -10.56
N CYS A 72 -21.72 -36.89 -9.88
CA CYS A 72 -21.50 -36.84 -8.43
C CYS A 72 -22.78 -37.01 -7.61
N GLU A 73 -23.54 -35.93 -7.48
CA GLU A 73 -24.79 -35.91 -6.74
C GLU A 73 -25.72 -34.87 -7.35
N ALA A 74 -27.01 -35.00 -7.10
CA ALA A 74 -27.93 -34.05 -7.72
C ALA A 74 -28.11 -32.83 -6.82
N THR A 75 -27.57 -31.71 -7.28
CA THR A 75 -27.61 -30.49 -6.50
C THR A 75 -28.72 -29.54 -6.93
N TYR A 76 -29.41 -29.83 -8.02
CA TYR A 76 -30.41 -28.87 -8.49
C TYR A 76 -31.50 -29.52 -9.32
N ASP A 77 -32.61 -28.78 -9.50
CA ASP A 77 -33.71 -29.24 -10.34
C ASP A 77 -33.29 -29.23 -11.81
N THR A 78 -33.42 -30.40 -12.43
CA THR A 78 -33.02 -30.61 -13.81
C THR A 78 -34.07 -30.03 -14.77
N THR A 79 -35.23 -29.64 -14.23
CA THR A 79 -36.40 -29.21 -15.02
C THR A 79 -36.15 -27.98 -15.90
N LEU A 80 -35.58 -26.94 -15.31
CA LEU A 80 -35.31 -25.72 -16.04
C LEU A 80 -34.29 -25.96 -17.15
N VAL A 81 -33.30 -26.79 -16.80
CA VAL A 81 -32.20 -27.10 -17.69
C VAL A 81 -32.73 -27.79 -18.93
N GLU A 82 -33.45 -28.89 -18.75
CA GLU A 82 -33.97 -29.61 -19.90
C GLU A 82 -35.00 -28.80 -20.63
N LYS A 83 -35.64 -27.88 -19.90
CA LYS A 83 -36.58 -26.95 -20.52
C LYS A 83 -35.83 -26.11 -21.55
N GLU A 84 -34.54 -25.86 -21.34
CA GLU A 84 -33.88 -25.02 -22.34
C GLU A 84 -33.39 -25.82 -23.57
N GLY A 85 -33.61 -27.13 -23.59
CA GLY A 85 -33.22 -28.00 -24.70
C GLY A 85 -31.91 -28.75 -24.44
N ILE A 86 -31.48 -28.72 -23.19
CA ILE A 86 -30.24 -29.35 -22.76
C ILE A 86 -30.52 -30.57 -21.92
N HIS A 87 -30.27 -31.76 -22.46
CA HIS A 87 -30.61 -32.99 -21.70
C HIS A 87 -29.62 -33.32 -20.57
N VAL A 88 -30.11 -33.75 -19.40
CA VAL A 88 -29.21 -34.01 -18.26
C VAL A 88 -29.19 -35.50 -17.90
N LEU A 89 -28.01 -36.06 -17.61
CA LEU A 89 -27.88 -37.49 -17.28
C LEU A 89 -27.18 -37.71 -15.97
N ASP A 90 -27.81 -38.40 -14.99
CA ASP A 90 -27.18 -38.64 -13.68
C ASP A 90 -26.63 -40.06 -13.53
N TRP A 91 -25.31 -40.19 -13.64
CA TRP A 91 -24.62 -41.48 -13.52
C TRP A 91 -23.58 -41.48 -12.41
N PRO A 92 -24.05 -41.33 -11.18
CA PRO A 92 -23.10 -41.11 -10.11
C PRO A 92 -22.28 -42.30 -9.86
N PHE A 93 -21.09 -42.09 -9.28
CA PHE A 93 -20.29 -43.18 -8.73
C PHE A 93 -19.33 -42.74 -7.66
N ASP A 94 -18.81 -43.73 -6.92
CA ASP A 94 -18.08 -43.48 -5.69
C ASP A 94 -16.96 -42.46 -5.86
N ASP A 95 -16.83 -41.57 -4.88
CA ASP A 95 -15.83 -40.52 -4.88
C ASP A 95 -14.39 -41.09 -4.94
N GLY A 96 -13.65 -40.60 -5.92
CA GLY A 96 -12.25 -40.94 -6.10
C GLY A 96 -12.05 -42.34 -6.59
N ALA A 97 -13.13 -42.99 -7.03
CA ALA A 97 -13.04 -44.37 -7.50
C ALA A 97 -13.33 -44.45 -8.99
N PRO A 98 -12.68 -45.37 -9.70
CA PRO A 98 -12.96 -45.52 -11.13
C PRO A 98 -14.42 -45.94 -11.41
N PRO A 99 -14.98 -45.51 -12.54
CA PRO A 99 -16.35 -45.81 -12.95
C PRO A 99 -16.54 -47.28 -13.34
N SER A 100 -17.66 -47.86 -12.92
CA SER A 100 -17.97 -49.27 -13.18
C SER A 100 -18.13 -49.52 -14.66
N ASN A 101 -17.98 -50.77 -15.06
CA ASN A 101 -18.04 -51.13 -16.47
C ASN A 101 -19.31 -50.67 -17.15
N GLN A 102 -20.40 -50.73 -16.39
CA GLN A 102 -21.71 -50.31 -16.87
C GLN A 102 -21.60 -48.88 -17.36
N ILE A 103 -21.12 -48.01 -16.46
CA ILE A 103 -21.00 -46.57 -16.71
C ILE A 103 -20.06 -46.28 -17.87
N VAL A 104 -19.03 -47.08 -17.96
CA VAL A 104 -18.10 -46.85 -19.02
C VAL A 104 -18.65 -47.15 -20.41
N ASP A 105 -19.36 -48.28 -20.50
CA ASP A 105 -19.99 -48.72 -21.76
C ASP A 105 -21.09 -47.73 -22.17
N ASP A 106 -21.92 -47.37 -21.19
CA ASP A 106 -22.98 -46.43 -21.48
C ASP A 106 -22.34 -45.15 -21.95
N TRP A 107 -21.20 -44.80 -21.36
CA TRP A 107 -20.53 -43.54 -21.68
C TRP A 107 -19.99 -43.52 -23.11
N LEU A 108 -19.32 -44.59 -23.49
CA LEU A 108 -18.77 -44.68 -24.83
C LEU A 108 -19.89 -44.66 -25.87
N SER A 109 -20.97 -45.40 -25.59
CA SER A 109 -22.14 -45.44 -26.47
C SER A 109 -22.73 -44.05 -26.64
N LEU A 110 -22.91 -43.36 -25.52
CA LEU A 110 -23.41 -41.99 -25.49
C LEU A 110 -22.56 -41.04 -26.32
N VAL A 111 -21.24 -41.16 -26.19
CA VAL A 111 -20.34 -40.33 -26.98
C VAL A 111 -20.53 -40.60 -28.48
N LYS A 112 -20.39 -41.86 -28.87
CA LYS A 112 -20.44 -42.22 -30.29
C LYS A 112 -21.76 -41.85 -30.95
N ILE A 113 -22.84 -41.99 -30.20
CA ILE A 113 -24.17 -41.73 -30.73
C ILE A 113 -24.38 -40.21 -30.82
N LYS A 114 -24.08 -39.50 -29.75
CA LYS A 114 -24.40 -38.06 -29.67
C LYS A 114 -23.55 -37.21 -30.62
N PHE A 115 -22.31 -37.64 -30.86
CA PHE A 115 -21.47 -36.89 -31.77
C PHE A 115 -21.80 -37.18 -33.21
N ARG A 116 -22.41 -38.33 -33.47
CA ARG A 116 -22.89 -38.57 -34.81
C ARG A 116 -24.20 -37.83 -35.05
N GLU A 117 -25.07 -37.84 -34.02
CA GLU A 117 -26.40 -37.26 -34.14
C GLU A 117 -26.28 -35.78 -34.49
N GLU A 118 -25.45 -35.04 -33.76
CA GLU A 118 -25.25 -33.63 -34.05
C GLU A 118 -23.76 -33.32 -34.03
N PRO A 119 -23.11 -33.41 -35.19
CA PRO A 119 -21.68 -33.15 -35.33
C PRO A 119 -21.29 -31.73 -34.95
N GLY A 120 -20.28 -31.61 -34.09
CA GLY A 120 -19.78 -30.31 -33.69
C GLY A 120 -20.31 -29.82 -32.36
N CYS A 121 -21.20 -30.58 -31.72
CA CYS A 121 -21.75 -30.21 -30.42
C CYS A 121 -20.78 -30.60 -29.31
N CYS A 122 -21.26 -30.49 -28.07
CA CYS A 122 -20.42 -30.74 -26.92
C CYS A 122 -21.13 -31.47 -25.78
N ILE A 123 -20.39 -32.31 -25.08
CA ILE A 123 -20.92 -33.06 -23.94
C ILE A 123 -20.31 -32.54 -22.63
N ALA A 124 -21.13 -32.18 -21.65
CA ALA A 124 -20.58 -31.57 -20.44
C ALA A 124 -20.58 -32.52 -19.27
N VAL A 125 -19.45 -32.60 -18.58
CA VAL A 125 -19.35 -33.39 -17.38
C VAL A 125 -19.04 -32.50 -16.18
N HIS A 126 -19.67 -32.74 -15.04
CA HIS A 126 -19.35 -31.94 -13.88
C HIS A 126 -19.61 -32.72 -12.63
N CYS A 127 -19.08 -32.21 -11.51
CA CYS A 127 -19.26 -32.73 -10.15
C CYS A 127 -19.13 -31.61 -9.07
N VAL A 128 -19.58 -31.90 -7.86
CA VAL A 128 -19.56 -30.92 -6.79
C VAL A 128 -18.12 -30.82 -6.24
N ALA A 129 -17.34 -31.89 -6.38
CA ALA A 129 -15.99 -31.87 -5.81
C ALA A 129 -15.02 -31.27 -6.80
N GLY A 130 -14.82 -31.96 -7.91
CA GLY A 130 -13.99 -31.46 -8.97
C GLY A 130 -12.69 -32.24 -9.08
N LEU A 131 -12.24 -32.29 -10.33
CA LEU A 131 -10.96 -32.81 -10.77
C LEU A 131 -10.85 -34.36 -10.63
N GLY A 132 -11.69 -35.04 -9.83
CA GLY A 132 -11.60 -36.50 -9.81
C GLY A 132 -12.38 -37.32 -10.84
N ARG A 133 -13.70 -37.34 -10.67
CA ARG A 133 -14.53 -38.27 -11.41
C ARG A 133 -14.85 -37.77 -12.82
N ALA A 134 -15.11 -36.47 -12.92
CA ALA A 134 -15.50 -35.86 -14.19
C ALA A 134 -14.44 -35.99 -15.29
N PRO A 135 -13.17 -35.67 -15.01
CA PRO A 135 -12.16 -35.78 -16.08
C PRO A 135 -11.78 -37.20 -16.44
N VAL A 136 -12.13 -38.17 -15.59
CA VAL A 136 -11.83 -39.55 -15.89
C VAL A 136 -12.65 -40.02 -17.10
N LEU A 137 -13.95 -39.74 -17.09
CA LEU A 137 -14.78 -40.16 -18.22
C LEU A 137 -14.22 -39.56 -19.49
N VAL A 138 -13.82 -38.29 -19.39
CA VAL A 138 -13.28 -37.57 -20.54
C VAL A 138 -11.99 -38.21 -21.04
N ALA A 139 -11.18 -38.65 -20.09
CA ALA A 139 -9.93 -39.32 -20.38
C ALA A 139 -10.14 -40.69 -21.08
N LEU A 140 -11.11 -41.47 -20.61
CA LEU A 140 -11.50 -42.75 -21.21
C LEU A 140 -11.91 -42.52 -22.65
N ALA A 141 -12.76 -41.54 -22.88
CA ALA A 141 -13.20 -41.25 -24.24
C ALA A 141 -12.02 -40.79 -25.09
N LEU A 142 -11.07 -40.12 -24.43
CA LEU A 142 -9.97 -39.51 -25.15
C LEU A 142 -8.99 -40.57 -25.61
N ILE A 143 -8.70 -41.53 -24.74
CA ILE A 143 -7.78 -42.58 -25.10
C ILE A 143 -8.50 -43.60 -25.99
N GLU A 144 -9.83 -43.61 -25.92
CA GLU A 144 -10.62 -44.48 -26.76
C GLU A 144 -10.63 -43.89 -28.17
N GLY A 145 -10.27 -42.62 -28.29
CA GLY A 145 -10.31 -41.97 -29.59
C GLY A 145 -8.99 -42.00 -30.32
N GLY A 146 -8.04 -42.77 -29.79
CA GLY A 146 -6.75 -42.93 -30.46
C GLY A 146 -5.60 -42.10 -29.91
N MET A 147 -5.72 -41.70 -28.64
CA MET A 147 -4.70 -40.93 -27.95
C MET A 147 -4.01 -41.80 -26.90
N LYS A 148 -2.70 -41.67 -26.73
CA LYS A 148 -1.97 -42.49 -25.77
C LYS A 148 -2.28 -42.05 -24.33
N TYR A 149 -2.20 -42.98 -23.39
CA TYR A 149 -2.45 -42.71 -21.98
C TYR A 149 -1.66 -41.50 -21.44
N GLU A 150 -0.34 -41.55 -21.61
CA GLU A 150 0.54 -40.46 -21.20
C GLU A 150 0.13 -39.15 -21.88
N ASP A 151 0.08 -39.15 -23.21
CA ASP A 151 -0.23 -37.95 -23.99
C ASP A 151 -1.60 -37.33 -23.59
N ALA A 152 -2.55 -38.21 -23.25
CA ALA A 152 -3.88 -37.79 -22.82
C ALA A 152 -3.88 -37.18 -21.42
N VAL A 153 -3.32 -37.88 -20.44
CA VAL A 153 -3.29 -37.35 -19.08
C VAL A 153 -2.51 -36.03 -19.05
N GLN A 154 -1.44 -35.94 -19.85
CA GLN A 154 -0.66 -34.71 -19.92
C GLN A 154 -1.53 -33.61 -20.50
N PHE A 155 -2.29 -33.95 -21.53
CA PHE A 155 -3.19 -32.96 -22.16
C PHE A 155 -4.28 -32.49 -21.20
N ILE A 156 -4.66 -33.38 -20.29
CA ILE A 156 -5.70 -33.05 -19.34
C ILE A 156 -5.14 -32.18 -18.23
N ARG A 157 -4.00 -32.60 -17.66
CA ARG A 157 -3.44 -31.93 -16.49
C ARG A 157 -2.83 -30.61 -16.87
N GLN A 158 -2.51 -30.44 -18.15
CA GLN A 158 -1.96 -29.18 -18.62
C GLN A 158 -3.00 -28.08 -18.49
N LYS A 159 -4.26 -28.45 -18.68
CA LYS A 159 -5.35 -27.50 -18.59
C LYS A 159 -5.77 -27.33 -17.14
N ARG A 160 -5.72 -28.40 -16.34
CA ARG A 160 -5.95 -28.32 -14.90
C ARG A 160 -4.93 -29.13 -14.12
N ARG A 161 -4.17 -28.45 -13.29
CA ARG A 161 -3.17 -29.11 -12.46
C ARG A 161 -3.86 -30.09 -11.51
N GLY A 162 -3.12 -31.10 -11.07
CA GLY A 162 -3.68 -32.15 -10.25
C GLY A 162 -4.61 -32.99 -11.11
N ALA A 163 -5.88 -33.00 -10.77
CA ALA A 163 -6.87 -33.60 -11.66
C ALA A 163 -6.88 -35.12 -11.65
N PHE A 164 -6.04 -35.75 -10.87
CA PHE A 164 -6.14 -37.20 -10.76
C PHE A 164 -5.62 -37.64 -9.42
N ASN A 165 -6.27 -38.63 -8.82
CA ASN A 165 -5.79 -39.20 -7.58
C ASN A 165 -5.08 -40.52 -7.81
N SER A 166 -4.69 -41.17 -6.72
CA SER A 166 -3.92 -42.41 -6.79
C SER A 166 -4.66 -43.48 -7.61
N LYS A 167 -5.91 -43.79 -7.23
CA LYS A 167 -6.68 -44.89 -7.82
C LYS A 167 -6.97 -44.69 -9.33
N GLN A 168 -7.24 -43.44 -9.66
CA GLN A 168 -7.68 -43.11 -11.00
C GLN A 168 -6.54 -43.19 -12.00
N LEU A 169 -5.35 -42.79 -11.58
CA LEU A 169 -4.14 -42.90 -12.40
C LEU A 169 -3.89 -44.33 -12.92
N LEU A 170 -4.06 -45.30 -12.02
CA LEU A 170 -3.91 -46.71 -12.29
C LEU A 170 -5.01 -47.17 -13.24
N TYR A 171 -6.27 -46.79 -12.94
CA TYR A 171 -7.35 -47.19 -13.84
C TYR A 171 -7.09 -46.76 -15.27
N LEU A 172 -6.61 -45.54 -15.47
CA LEU A 172 -6.36 -45.09 -16.84
C LEU A 172 -5.07 -45.65 -17.45
N GLU A 173 -4.12 -45.95 -16.58
CA GLU A 173 -2.87 -46.49 -17.05
C GLU A 173 -3.11 -47.81 -17.73
N LYS A 174 -3.84 -48.69 -17.05
CA LYS A 174 -3.95 -50.05 -17.52
C LYS A 174 -5.20 -50.31 -18.36
N TYR A 175 -5.99 -49.28 -18.63
CA TYR A 175 -7.24 -49.42 -19.40
C TYR A 175 -7.01 -49.97 -20.82
N ARG A 176 -7.71 -51.04 -21.16
CA ARG A 176 -7.58 -51.62 -22.48
C ARG A 176 -8.59 -50.99 -23.43
N PRO A 177 -8.11 -50.20 -24.40
CA PRO A 177 -8.96 -49.56 -25.41
C PRO A 177 -9.61 -50.59 -26.35
N LYS A 178 -10.92 -50.49 -26.54
CA LYS A 178 -11.63 -51.38 -27.45
C LYS A 178 -11.63 -50.81 -28.87
N MET A 179 -11.15 -49.57 -29.02
CA MET A 179 -11.29 -48.78 -30.24
C MET A 179 -12.76 -48.70 -30.66
N ARG A 180 -13.62 -48.48 -29.68
CA ARG A 180 -15.07 -48.57 -29.85
C ARG A 180 -15.61 -47.40 -30.68
N LEU A 181 -14.81 -46.36 -30.82
CA LEU A 181 -15.22 -45.22 -31.62
C LEU A 181 -15.15 -45.54 -33.12
N ARG A 182 -13.94 -45.76 -33.63
CA ARG A 182 -13.71 -46.11 -35.04
C ARG A 182 -14.31 -45.10 -36.02
N MET B 1 25.85 -5.12 4.86
CA MET B 1 24.91 -4.06 5.16
C MET B 1 23.50 -4.39 4.65
N GLU B 2 22.74 -3.36 4.24
CA GLU B 2 21.36 -3.50 3.75
C GLU B 2 21.36 -4.01 2.32
N GLU B 3 22.29 -3.49 1.53
CA GLU B 3 22.48 -3.91 0.15
C GLU B 3 22.70 -5.41 0.09
N LEU B 4 23.54 -5.93 0.98
CA LEU B 4 23.87 -7.35 0.96
C LEU B 4 22.66 -8.23 1.32
N ASN B 5 21.80 -7.73 2.19
CA ASN B 5 20.53 -8.39 2.47
C ASN B 5 19.60 -8.41 1.26
N ILE B 6 19.60 -7.30 0.52
CA ILE B 6 18.76 -7.22 -0.67
C ILE B 6 19.24 -8.20 -1.71
N ILE B 7 20.55 -8.24 -1.89
CA ILE B 7 21.16 -9.12 -2.88
C ILE B 7 20.87 -10.57 -2.56
N GLN B 8 21.11 -10.96 -1.32
CA GLN B 8 20.81 -12.33 -0.91
C GLN B 8 19.34 -12.70 -1.09
N GLY B 9 18.48 -11.80 -0.61
CA GLY B 9 17.05 -11.98 -0.78
C GLY B 9 16.69 -12.16 -2.23
N ALA B 10 17.40 -11.49 -3.11
CA ALA B 10 17.04 -11.55 -4.52
C ALA B 10 17.47 -12.84 -5.15
N LEU B 11 18.59 -13.37 -4.71
CA LEU B 11 19.01 -14.64 -5.26
C LEU B 11 18.13 -15.76 -4.75
N GLU B 12 17.56 -15.60 -3.56
CA GLU B 12 16.74 -16.67 -3.00
C GLU B 12 15.28 -16.61 -3.41
N LEU B 13 14.97 -15.74 -4.36
CA LEU B 13 13.65 -15.73 -4.99
C LEU B 13 13.35 -17.02 -5.76
N ARG B 14 14.36 -17.62 -6.40
CA ARG B 14 14.18 -18.91 -7.08
C ARG B 14 13.80 -20.03 -6.09
N THR B 15 14.51 -20.08 -4.98
CA THR B 15 14.30 -21.16 -4.06
C THR B 15 12.94 -21.04 -3.38
N LYS B 16 12.67 -19.87 -2.81
CA LYS B 16 11.49 -19.67 -1.98
C LYS B 16 10.18 -19.79 -2.75
N THR B 17 9.11 -20.18 -2.06
CA THR B 17 7.79 -20.22 -2.69
C THR B 17 6.85 -19.18 -2.07
N VAL B 18 5.66 -19.04 -2.67
CA VAL B 18 4.68 -18.10 -2.16
C VAL B 18 4.13 -18.62 -0.86
N GLU B 19 4.31 -19.90 -0.61
CA GLU B 19 3.77 -20.46 0.59
C GLU B 19 4.60 -20.00 1.78
N ASP B 20 5.83 -19.58 1.51
CA ASP B 20 6.77 -19.17 2.56
C ASP B 20 6.47 -17.75 3.05
N VAL B 21 6.12 -16.84 2.12
CA VAL B 21 5.88 -15.42 2.42
C VAL B 21 4.38 -15.14 2.69
N MET B 22 3.49 -16.06 2.34
CA MET B 22 2.05 -15.79 2.38
C MET B 22 1.47 -15.50 3.77
N THR B 23 0.28 -14.91 3.76
CA THR B 23 -0.54 -14.71 4.97
C THR B 23 -1.57 -15.81 5.05
N PRO B 24 -1.49 -16.59 6.12
CA PRO B 24 -2.39 -17.71 6.34
C PRO B 24 -3.84 -17.26 6.35
N LEU B 25 -4.72 -18.17 5.96
CA LEU B 25 -6.13 -17.86 5.85
C LEU B 25 -6.67 -17.44 7.20
N ARG B 26 -6.15 -18.04 8.27
CA ARG B 26 -6.77 -17.74 9.56
C ARG B 26 -6.56 -16.30 9.97
N ASP B 27 -5.44 -15.72 9.54
CA ASP B 27 -5.06 -14.37 9.89
C ASP B 27 -5.56 -13.36 8.85
N CYS B 28 -6.25 -13.82 7.82
CA CYS B 28 -6.75 -12.90 6.80
C CYS B 28 -7.96 -12.13 7.24
N PHE B 29 -7.96 -10.84 7.00
CA PHE B 29 -9.15 -10.06 7.24
C PHE B 29 -10.03 -10.13 6.02
N MET B 30 -11.26 -10.66 6.18
CA MET B 30 -12.21 -10.86 5.06
C MET B 30 -13.60 -10.29 5.32
N ILE B 31 -14.51 -10.48 4.38
CA ILE B 31 -15.88 -10.00 4.56
C ILE B 31 -16.88 -10.89 3.83
N THR B 32 -18.04 -11.12 4.45
CA THR B 32 -19.02 -11.96 3.79
C THR B 32 -19.70 -11.24 2.62
N GLY B 33 -20.05 -11.98 1.56
CA GLY B 33 -20.75 -11.38 0.43
C GLY B 33 -22.14 -10.91 0.85
N GLU B 34 -22.64 -11.53 1.92
CA GLU B 34 -23.98 -11.21 2.36
C GLU B 34 -23.96 -9.95 3.18
N ALA B 35 -22.79 -9.35 3.33
CA ALA B 35 -22.67 -8.13 4.11
C ALA B 35 -23.46 -6.97 3.50
N ILE B 36 -24.03 -6.12 4.36
CA ILE B 36 -24.68 -4.90 3.91
C ILE B 36 -23.79 -3.72 4.28
N LEU B 37 -23.58 -2.79 3.34
CA LEU B 37 -22.72 -1.64 3.62
C LEU B 37 -23.56 -0.58 4.22
N ASP B 38 -23.42 -0.47 5.54
CA ASP B 38 -24.04 0.57 6.35
C ASP B 38 -22.95 1.31 7.11
N PHE B 39 -23.34 2.18 8.04
CA PHE B 39 -22.36 2.99 8.71
C PHE B 39 -21.36 2.12 9.42
N ASN B 40 -21.87 1.16 10.18
CA ASN B 40 -20.99 0.25 10.91
C ASN B 40 -20.07 -0.58 10.03
N THR B 41 -20.62 -1.24 9.01
CA THR B 41 -19.83 -2.13 8.15
C THR B 41 -18.73 -1.36 7.42
N MET B 42 -19.11 -0.28 6.74
CA MET B 42 -18.14 0.56 6.06
C MET B 42 -17.06 1.08 7.04
N SER B 43 -17.49 1.54 8.21
CA SER B 43 -16.54 2.02 9.20
C SER B 43 -15.57 0.92 9.61
N GLU B 44 -16.06 -0.31 9.84
CA GLU B 44 -15.20 -1.43 10.24
C GLU B 44 -14.15 -1.76 9.15
N ILE B 45 -14.63 -1.90 7.90
CA ILE B 45 -13.73 -2.09 6.76
C ILE B 45 -12.62 -1.04 6.77
N MET B 46 -13.01 0.23 6.88
CA MET B 46 -12.03 1.31 6.87
C MET B 46 -11.08 1.28 8.07
N GLU B 47 -11.58 0.79 9.21
CA GLU B 47 -10.80 0.70 10.45
C GLU B 47 -9.65 -0.30 10.28
N SER B 48 -9.90 -1.41 9.58
CA SER B 48 -8.84 -2.42 9.35
C SER B 48 -7.58 -1.85 8.68
N GLY B 49 -7.71 -0.82 7.85
CA GLY B 49 -6.53 -0.29 7.19
C GLY B 49 -5.99 -1.13 6.03
N TYR B 50 -6.80 -2.08 5.56
CA TYR B 50 -6.40 -2.84 4.39
C TYR B 50 -6.99 -2.24 3.15
N THR B 51 -6.17 -2.10 2.12
CA THR B 51 -6.67 -1.53 0.88
C THR B 51 -7.59 -2.56 0.20
N ARG B 52 -7.14 -3.82 0.21
CA ARG B 52 -7.78 -4.93 -0.50
C ARG B 52 -8.34 -5.98 0.46
N ILE B 53 -9.64 -6.17 0.39
CA ILE B 53 -10.38 -7.06 1.30
C ILE B 53 -11.12 -8.20 0.60
N PRO B 54 -10.66 -9.45 0.80
CA PRO B 54 -11.27 -10.66 0.23
C PRO B 54 -12.73 -10.82 0.67
N VAL B 55 -13.56 -11.20 -0.29
CA VAL B 55 -14.97 -11.46 -0.06
C VAL B 55 -15.23 -12.94 -0.24
N PHE B 56 -15.74 -13.56 0.82
CA PHE B 56 -16.03 -14.98 0.80
C PHE B 56 -17.53 -15.22 0.93
N GLU B 57 -17.95 -16.40 0.49
CA GLU B 57 -19.36 -16.80 0.51
C GLU B 57 -19.49 -18.20 1.18
N GLY B 58 -20.29 -18.27 2.24
CA GLY B 58 -20.37 -19.50 3.03
C GLY B 58 -19.14 -19.71 3.91
N GLU B 59 -18.39 -20.78 3.65
CA GLU B 59 -17.10 -20.98 4.33
C GLU B 59 -16.01 -19.99 3.85
N ARG B 60 -15.12 -19.60 4.76
CA ARG B 60 -14.08 -18.64 4.42
C ARG B 60 -13.15 -19.22 3.37
N SER B 61 -13.02 -20.54 3.32
CA SER B 61 -12.07 -21.10 2.36
C SER B 61 -12.53 -20.86 0.94
N ASN B 62 -13.75 -20.39 0.81
CA ASN B 62 -14.29 -20.06 -0.50
C ASN B 62 -14.35 -18.55 -0.81
N ILE B 63 -13.46 -18.12 -1.69
CA ILE B 63 -13.39 -16.69 -1.96
C ILE B 63 -13.94 -16.34 -3.32
N VAL B 64 -15.10 -15.72 -3.33
CA VAL B 64 -15.78 -15.43 -4.57
C VAL B 64 -15.47 -14.05 -5.18
N ASP B 65 -14.98 -13.07 -4.40
CA ASP B 65 -14.66 -11.79 -5.04
C ASP B 65 -13.63 -11.03 -4.21
N LEU B 66 -13.27 -9.83 -4.68
CA LEU B 66 -12.30 -8.94 -4.02
C LEU B 66 -12.83 -7.53 -3.94
N LEU B 67 -12.79 -6.94 -2.74
CA LEU B 67 -13.31 -5.59 -2.53
C LEU B 67 -12.23 -4.58 -2.15
N PHE B 68 -11.94 -3.64 -3.05
CA PHE B 68 -11.07 -2.52 -2.75
C PHE B 68 -11.84 -1.48 -1.94
N VAL B 69 -11.15 -0.66 -1.15
CA VAL B 69 -11.84 0.37 -0.38
C VAL B 69 -12.29 1.51 -1.23
N LYS B 70 -11.61 1.74 -2.34
CA LYS B 70 -12.03 2.83 -3.20
C LYS B 70 -13.42 2.52 -3.82
N ASP B 71 -13.88 1.28 -3.71
CA ASP B 71 -15.21 0.93 -4.17
C ASP B 71 -16.29 1.49 -3.24
N LEU B 72 -15.89 1.89 -2.03
CA LEU B 72 -16.86 2.36 -1.05
C LEU B 72 -17.08 3.86 -1.16
N ALA B 73 -16.52 4.47 -2.20
CA ALA B 73 -16.38 5.92 -2.28
C ALA B 73 -17.71 6.66 -2.21
N PHE B 74 -18.54 6.55 -3.23
CA PHE B 74 -19.73 7.38 -3.15
C PHE B 74 -20.89 6.60 -2.61
N VAL B 75 -20.60 5.42 -2.07
CA VAL B 75 -21.66 4.62 -1.45
C VAL B 75 -22.14 5.31 -0.15
N ASP B 76 -23.46 5.44 0.02
CA ASP B 76 -24.04 6.07 1.22
C ASP B 76 -24.45 5.04 2.31
N PRO B 77 -24.04 5.33 3.55
CA PRO B 77 -24.30 4.46 4.71
C PRO B 77 -25.78 4.37 5.02
N ASP B 78 -26.50 5.46 4.83
CA ASP B 78 -27.92 5.44 5.16
C ASP B 78 -28.72 4.63 4.11
N ASP B 79 -28.12 4.37 2.94
CA ASP B 79 -28.78 3.64 1.83
C ASP B 79 -28.84 2.14 2.06
N CYS B 80 -27.94 1.65 2.90
CA CYS B 80 -27.84 0.23 3.18
C CYS B 80 -27.68 -0.60 1.91
N THR B 81 -26.70 -0.27 1.08
CA THR B 81 -26.50 -0.96 -0.19
C THR B 81 -25.78 -2.29 -0.01
N PRO B 82 -26.37 -3.36 -0.53
CA PRO B 82 -25.76 -4.68 -0.43
C PRO B 82 -24.40 -4.74 -1.09
N LEU B 83 -23.56 -5.63 -0.57
CA LEU B 83 -22.20 -5.71 -1.07
C LEU B 83 -22.20 -6.31 -2.48
N LYS B 84 -23.10 -7.26 -2.73
CA LYS B 84 -23.21 -7.91 -4.05
C LYS B 84 -23.33 -6.85 -5.13
N THR B 85 -24.13 -5.84 -4.83
CA THR B 85 -24.27 -4.74 -5.76
C THR B 85 -22.95 -4.06 -6.18
N ILE B 86 -22.20 -3.59 -5.18
CA ILE B 86 -20.91 -2.90 -5.41
C ILE B 86 -19.92 -3.80 -6.16
N THR B 87 -19.81 -5.04 -5.73
CA THR B 87 -18.90 -5.94 -6.41
C THR B 87 -19.31 -6.08 -7.87
N LYS B 88 -20.62 -6.01 -8.12
CA LYS B 88 -21.10 -6.03 -9.52
C LYS B 88 -20.65 -4.84 -10.35
N PHE B 89 -20.59 -3.68 -9.72
CA PHE B 89 -20.09 -2.49 -10.39
C PHE B 89 -18.63 -2.58 -10.82
N TYR B 90 -17.75 -2.79 -9.85
CA TYR B 90 -16.34 -2.68 -10.21
C TYR B 90 -15.72 -4.00 -10.72
N ASN B 91 -16.04 -5.12 -10.05
CA ASN B 91 -15.56 -6.43 -10.49
C ASN B 91 -14.02 -6.47 -10.80
N HIS B 92 -13.23 -6.40 -9.71
CA HIS B 92 -11.76 -6.52 -9.74
C HIS B 92 -11.35 -7.95 -9.92
N PRO B 93 -10.31 -8.16 -10.73
CA PRO B 93 -9.80 -9.49 -11.07
C PRO B 93 -9.32 -10.23 -9.86
N LEU B 94 -9.57 -11.52 -9.85
CA LEU B 94 -9.15 -12.32 -8.73
C LEU B 94 -8.19 -13.42 -9.17
N HIS B 95 -6.92 -13.32 -8.77
CA HIS B 95 -5.96 -14.32 -9.24
C HIS B 95 -5.70 -15.46 -8.23
N PHE B 96 -5.59 -16.68 -8.76
CA PHE B 96 -5.27 -17.85 -7.90
C PHE B 96 -3.96 -18.48 -8.32
N VAL B 97 -2.99 -18.46 -7.41
CA VAL B 97 -1.69 -19.00 -7.66
C VAL B 97 -1.46 -20.19 -6.74
N PHE B 98 -0.75 -21.19 -7.24
CA PHE B 98 -0.46 -22.40 -6.46
C PHE B 98 0.70 -22.23 -5.47
N ASN B 99 0.68 -23.02 -4.41
CA ASN B 99 1.63 -22.81 -3.33
C ASN B 99 3.07 -23.11 -3.71
N ASP B 100 3.27 -23.93 -4.74
CA ASP B 100 4.63 -24.31 -5.10
C ASP B 100 5.24 -23.27 -6.04
N THR B 101 4.52 -22.18 -6.25
CA THR B 101 4.97 -21.15 -7.16
C THR B 101 6.16 -20.35 -6.60
N LYS B 102 7.19 -20.20 -7.43
CA LYS B 102 8.38 -19.50 -6.98
C LYS B 102 8.10 -18.00 -6.89
N LEU B 103 8.85 -17.31 -6.03
CA LEU B 103 8.70 -15.88 -5.85
C LEU B 103 9.13 -15.12 -7.09
N ASP B 104 10.05 -15.68 -7.85
CA ASP B 104 10.50 -14.97 -9.05
C ASP B 104 9.31 -14.75 -9.97
N ALA B 105 8.65 -15.86 -10.24
CA ALA B 105 7.50 -15.89 -11.11
C ALA B 105 6.37 -15.05 -10.55
N MET B 106 6.15 -15.13 -9.26
CA MET B 106 5.07 -14.35 -8.66
C MET B 106 5.32 -12.86 -8.81
N LEU B 107 6.57 -12.46 -8.64
CA LEU B 107 6.93 -11.09 -8.83
C LEU B 107 6.63 -10.66 -10.27
N GLU B 108 7.04 -11.47 -11.25
CA GLU B 108 6.78 -11.10 -12.66
C GLU B 108 5.29 -11.03 -12.94
N GLU B 109 4.52 -11.91 -12.31
CA GLU B 109 3.08 -11.95 -12.52
C GLU B 109 2.43 -10.73 -11.86
N PHE B 110 3.07 -10.14 -10.85
CA PHE B 110 2.55 -8.91 -10.30
C PHE B 110 2.91 -7.76 -11.22
N LYS B 111 4.11 -7.75 -11.79
CA LYS B 111 4.48 -6.61 -12.62
C LYS B 111 3.59 -6.43 -13.85
N LYS B 112 3.53 -7.46 -14.68
CA LYS B 112 2.55 -7.46 -15.74
C LYS B 112 1.23 -7.92 -15.13
N GLY B 113 0.14 -7.26 -15.44
CA GLY B 113 -1.11 -7.52 -14.74
C GLY B 113 -1.32 -6.46 -13.67
N LYS B 114 -2.58 -6.13 -13.43
CA LYS B 114 -2.84 -4.97 -12.61
C LYS B 114 -2.65 -5.33 -11.16
N SER B 115 -3.21 -6.47 -10.78
CA SER B 115 -3.41 -6.84 -9.38
C SER B 115 -2.11 -7.04 -8.57
N HIS B 116 -2.14 -6.51 -7.34
CA HIS B 116 -1.08 -6.67 -6.34
C HIS B 116 -1.43 -7.81 -5.35
N LEU B 117 -2.54 -8.50 -5.56
CA LEU B 117 -2.96 -9.53 -4.61
C LEU B 117 -3.19 -10.86 -5.33
N ALA B 118 -2.94 -11.97 -4.66
CA ALA B 118 -3.19 -13.27 -5.25
C ALA B 118 -3.64 -14.24 -4.21
N ILE B 119 -4.40 -15.26 -4.62
CA ILE B 119 -4.82 -16.24 -3.63
C ILE B 119 -3.97 -17.48 -3.71
N VAL B 120 -3.53 -17.96 -2.55
CA VAL B 120 -2.75 -19.18 -2.47
C VAL B 120 -3.61 -20.41 -2.30
N GLN B 121 -3.44 -21.35 -3.21
CA GLN B 121 -4.15 -22.62 -3.17
C GLN B 121 -3.19 -23.76 -3.51
N ARG B 122 -3.51 -24.96 -2.99
CA ARG B 122 -2.74 -26.16 -3.22
C ARG B 122 -3.65 -27.35 -3.61
N VAL B 123 -3.07 -28.33 -4.28
CA VAL B 123 -3.77 -29.55 -4.68
C VAL B 123 -3.79 -30.58 -3.57
N ASN B 124 -4.97 -30.98 -3.13
CA ASN B 124 -5.05 -31.98 -2.08
C ASN B 124 -5.14 -33.38 -2.68
N ASN B 125 -4.04 -34.14 -2.58
CA ASN B 125 -3.98 -35.47 -3.21
C ASN B 125 -4.25 -36.64 -2.29
N GLU B 126 -4.60 -36.36 -1.03
CA GLU B 126 -4.92 -37.42 -0.06
C GLU B 126 -5.99 -38.36 -0.59
N GLY B 127 -5.81 -39.65 -0.29
CA GLY B 127 -6.71 -40.68 -0.77
C GLY B 127 -7.92 -40.86 0.11
N GLU B 128 -8.97 -41.47 -0.45
CA GLU B 128 -8.99 -41.82 -1.86
C GLU B 128 -9.84 -40.81 -2.62
N GLY B 129 -10.35 -39.82 -1.89
CA GLY B 129 -11.23 -38.81 -2.48
C GLY B 129 -10.65 -38.05 -3.68
N ASP B 130 -11.56 -37.44 -4.43
CA ASP B 130 -11.18 -36.65 -5.58
C ASP B 130 -10.26 -35.53 -5.20
N PRO B 131 -9.16 -35.37 -5.95
CA PRO B 131 -8.27 -34.25 -5.65
C PRO B 131 -8.97 -32.92 -5.80
N PHE B 132 -8.82 -32.03 -4.84
CA PHE B 132 -9.43 -30.72 -4.92
C PHE B 132 -8.44 -29.61 -4.59
N TYR B 133 -8.79 -28.38 -4.95
CA TYR B 133 -7.97 -27.24 -4.54
C TYR B 133 -8.30 -26.74 -3.09
N GLU B 134 -7.26 -26.35 -2.36
CA GLU B 134 -7.40 -25.92 -1.00
C GLU B 134 -6.77 -24.54 -0.84
N VAL B 135 -7.61 -23.55 -0.48
CA VAL B 135 -7.16 -22.18 -0.26
C VAL B 135 -6.49 -22.05 1.10
N LEU B 136 -5.21 -21.69 1.07
CA LEU B 136 -4.39 -21.53 2.27
C LEU B 136 -4.37 -20.11 2.85
N GLY B 137 -4.59 -19.10 2.00
CA GLY B 137 -4.58 -17.71 2.40
C GLY B 137 -4.20 -16.80 1.23
N ILE B 138 -3.64 -15.61 1.50
CA ILE B 138 -3.31 -14.65 0.43
C ILE B 138 -1.81 -14.31 0.39
N VAL B 139 -1.36 -13.83 -0.78
CA VAL B 139 -0.02 -13.29 -0.95
C VAL B 139 0.00 -12.01 -1.81
N THR B 140 0.61 -10.94 -1.29
CA THR B 140 0.60 -9.68 -2.01
C THR B 140 1.99 -9.26 -2.43
N LEU B 141 2.10 -8.14 -3.12
CA LEU B 141 3.38 -7.66 -3.61
C LEU B 141 4.27 -7.31 -2.45
N GLU B 142 3.66 -6.73 -1.42
CA GLU B 142 4.43 -6.29 -0.26
C GLU B 142 5.03 -7.48 0.42
N ASP B 143 4.43 -8.65 0.24
CA ASP B 143 4.98 -9.89 0.80
C ASP B 143 6.32 -10.30 0.15
N VAL B 144 6.30 -10.42 -1.18
CA VAL B 144 7.49 -10.78 -1.95
C VAL B 144 8.51 -9.67 -1.88
N ILE B 145 8.07 -8.44 -1.69
CA ILE B 145 9.00 -7.35 -1.48
C ILE B 145 9.70 -7.52 -0.13
N GLU B 146 8.92 -7.77 0.92
CA GLU B 146 9.49 -7.97 2.25
C GLU B 146 10.54 -9.07 2.24
N GLU B 147 10.30 -10.23 1.63
CA GLU B 147 11.37 -11.29 1.58
C GLU B 147 12.69 -10.84 1.02
N ILE B 148 12.62 -9.94 0.04
CA ILE B 148 13.79 -9.50 -0.72
C ILE B 148 14.36 -8.18 -0.20
N ILE B 149 13.81 -7.54 0.84
CA ILE B 149 14.61 -6.56 1.62
C ILE B 149 14.84 -6.95 3.08
N LYS B 150 14.53 -8.20 3.36
CA LYS B 150 14.79 -8.90 4.64
C LYS B 150 14.22 -8.05 5.77
N PRO C 32 11.92 25.13 16.51
CA PRO C 32 12.22 25.43 17.92
C PRO C 32 13.51 24.73 18.31
N VAL C 33 14.64 25.45 18.21
CA VAL C 33 15.96 24.88 18.45
C VAL C 33 16.71 25.54 19.55
N GLU C 34 17.16 24.73 20.52
CA GLU C 34 17.86 25.22 21.72
C GLU C 34 19.37 25.20 21.50
N VAL C 35 20.02 26.25 21.98
CA VAL C 35 21.46 26.38 21.87
C VAL C 35 22.00 26.74 23.24
N THR C 36 22.94 25.98 23.77
CA THR C 36 23.45 26.28 25.11
C THR C 36 24.96 26.47 25.06
N TYR C 37 25.48 27.49 25.73
CA TYR C 37 26.93 27.62 25.85
C TYR C 37 27.26 28.42 27.09
N LYS C 38 28.28 28.02 27.85
CA LYS C 38 28.62 28.69 29.10
C LYS C 38 27.38 28.89 30.01
N ASN C 39 27.11 30.14 30.35
CA ASN C 39 25.93 30.46 31.14
C ASN C 39 24.76 30.92 30.27
N MET C 40 25.04 31.17 29.00
CA MET C 40 24.05 31.71 28.09
C MET C 40 23.31 30.64 27.28
N ARG C 41 22.00 30.84 27.12
CA ARG C 41 21.12 29.89 26.44
C ARG C 41 20.19 30.62 25.48
N PHE C 42 20.14 30.16 24.25
CA PHE C 42 19.28 30.81 23.28
C PHE C 42 18.28 29.81 22.71
N LEU C 43 17.17 30.30 22.19
CA LEU C 43 16.18 29.46 21.55
C LEU C 43 15.67 30.09 20.26
N ILE C 44 15.98 29.46 19.11
CA ILE C 44 15.51 29.98 17.81
C ILE C 44 14.26 29.24 17.36
N THR C 45 13.16 29.98 17.19
CA THR C 45 11.87 29.35 16.91
C THR C 45 11.28 29.79 15.61
N HIS C 46 10.28 29.03 15.20
CA HIS C 46 9.44 29.39 14.07
C HIS C 46 8.63 30.60 14.46
N ASN C 47 8.24 31.38 13.47
CA ASN C 47 7.32 32.45 13.75
C ASN C 47 5.85 32.08 13.82
N PRO C 48 5.22 32.40 14.96
CA PRO C 48 3.84 32.00 15.26
C PRO C 48 2.81 32.81 14.51
N THR C 49 1.60 32.27 14.51
CA THR C 49 0.42 32.97 14.02
C THR C 49 -0.29 33.58 15.24
N ASN C 50 -1.34 34.35 14.99
CA ASN C 50 -2.04 35.04 16.07
C ASN C 50 -2.85 34.11 16.98
N ALA C 51 -3.40 33.07 16.39
CA ALA C 51 -4.22 32.11 17.14
C ALA C 51 -3.36 31.11 17.92
N THR C 52 -2.18 30.80 17.39
CA THR C 52 -1.33 29.80 18.03
C THR C 52 -0.71 30.31 19.33
N LEU C 53 -0.95 31.57 19.68
CA LEU C 53 -0.34 32.17 20.89
C LEU C 53 -0.60 31.33 22.13
N ASN C 54 -1.83 30.85 22.24
CA ASN C 54 -2.23 29.94 23.31
C ASN C 54 -1.25 28.75 23.41
N LYS C 55 -0.98 28.12 22.26
CA LYS C 55 -0.02 27.00 22.20
C LYS C 55 1.43 27.49 22.17
N PHE C 56 1.62 28.77 21.84
CA PHE C 56 2.97 29.34 21.70
C PHE C 56 3.60 29.64 23.06
N ILE C 57 2.88 30.40 23.88
CA ILE C 57 3.32 30.72 25.22
C ILE C 57 3.67 29.45 26.01
N GLU C 58 2.76 28.48 25.91
CA GLU C 58 2.93 27.17 26.52
C GLU C 58 4.31 26.61 26.17
N GLU C 59 4.72 26.73 24.91
CA GLU C 59 6.04 26.28 24.48
C GLU C 59 7.14 27.13 25.12
N LEU C 60 6.98 28.46 25.01
CA LEU C 60 8.04 29.39 25.40
C LEU C 60 8.22 29.40 26.92
N LYS C 61 7.14 29.22 27.66
CA LYS C 61 7.24 29.14 29.12
C LYS C 61 8.01 27.87 29.53
N LYS C 62 7.99 26.84 28.67
CA LYS C 62 8.58 25.56 29.02
C LYS C 62 10.10 25.65 28.96
N TYR C 63 10.60 26.30 27.92
CA TYR C 63 12.03 26.49 27.73
C TYR C 63 12.58 27.53 28.70
N GLY C 64 11.67 28.26 29.34
CA GLY C 64 12.06 29.24 30.32
C GLY C 64 12.58 30.54 29.72
N VAL C 65 11.85 31.06 28.75
CA VAL C 65 12.20 32.30 28.06
C VAL C 65 11.81 33.53 28.90
N THR C 66 12.52 34.64 28.70
CA THR C 66 12.14 35.90 29.33
C THR C 66 11.87 36.95 28.25
N THR C 67 12.88 37.13 27.40
CA THR C 67 12.87 38.12 26.32
C THR C 67 12.73 37.44 24.94
N ILE C 68 12.03 38.09 24.02
CA ILE C 68 11.96 37.62 22.64
C ILE C 68 12.49 38.69 21.69
N VAL C 69 13.34 38.31 20.75
CA VAL C 69 13.87 39.33 19.84
C VAL C 69 13.33 39.13 18.42
N ARG C 70 12.49 40.04 17.99
CA ARG C 70 11.91 39.88 16.69
C ARG C 70 12.78 40.60 15.63
N VAL C 71 13.41 39.84 14.74
CA VAL C 71 14.34 40.45 13.79
C VAL C 71 13.79 40.65 12.40
N CYS C 72 12.52 40.30 12.15
CA CYS C 72 12.04 40.36 10.77
C CYS C 72 10.95 41.40 10.56
N GLU C 73 9.73 41.05 10.94
CA GLU C 73 8.57 41.93 10.80
C GLU C 73 7.58 41.64 11.91
N ALA C 74 6.67 42.57 12.19
CA ALA C 74 5.74 42.32 13.27
C ALA C 74 4.49 41.63 12.74
N THR C 75 4.35 40.35 13.11
CA THR C 75 3.25 39.56 12.61
C THR C 75 2.08 39.44 13.60
N TYR C 76 2.25 39.94 14.81
CA TYR C 76 1.20 39.76 15.80
C TYR C 76 1.20 40.79 16.89
N ASP C 77 0.10 40.87 17.63
CA ASP C 77 0.02 41.79 18.77
C ASP C 77 0.91 41.27 19.91
N THR C 78 1.81 42.16 20.34
CA THR C 78 2.78 41.85 21.37
C THR C 78 2.12 41.90 22.75
N THR C 79 0.88 42.42 22.82
CA THR C 79 0.16 42.70 24.08
C THR C 79 -0.07 41.47 24.97
N LEU C 80 -0.56 40.40 24.37
CA LEU C 80 -0.84 39.18 25.09
C LEU C 80 0.45 38.56 25.63
N VAL C 81 1.48 38.63 24.79
CA VAL C 81 2.77 38.04 25.09
C VAL C 81 3.35 38.71 26.31
N GLU C 82 3.47 40.05 26.27
CA GLU C 82 4.05 40.76 27.39
C GLU C 82 3.17 40.66 28.61
N LYS C 83 1.87 40.47 28.36
CA LYS C 83 0.94 40.24 29.45
C LYS C 83 1.35 38.97 30.18
N GLU C 84 1.96 38.00 29.50
CA GLU C 84 2.31 36.79 30.24
C GLU C 84 3.63 36.90 31.02
N GLY C 85 4.30 38.05 30.92
CA GLY C 85 5.57 38.27 31.61
C GLY C 85 6.78 38.07 30.70
N ILE C 86 6.53 38.01 29.39
CA ILE C 86 7.58 37.79 28.41
C ILE C 86 7.83 39.03 27.57
N HIS C 87 8.96 39.73 27.79
CA HIS C 87 9.16 40.98 27.06
C HIS C 87 9.54 40.79 25.58
N VAL C 88 9.01 41.61 24.67
CA VAL C 88 9.29 41.41 23.23
C VAL C 88 10.07 42.60 22.68
N LEU C 89 11.07 42.34 21.83
CA LEU C 89 11.93 43.40 21.26
C LEU C 89 11.97 43.34 19.76
N ASP C 90 11.58 44.41 19.07
CA ASP C 90 11.58 44.38 17.58
C ASP C 90 12.77 45.14 17.00
N TRP C 91 13.78 44.41 16.52
CA TRP C 91 14.98 45.00 15.94
C TRP C 91 15.19 44.54 14.51
N PRO C 92 14.28 44.94 13.63
CA PRO C 92 14.33 44.36 12.29
C PRO C 92 15.52 44.81 11.53
N PHE C 93 15.93 44.00 10.55
CA PHE C 93 16.91 44.45 9.57
C PHE C 93 16.83 43.68 8.27
N ASP C 94 17.48 44.24 7.24
CA ASP C 94 17.30 43.78 5.88
C ASP C 94 17.49 42.27 5.74
N ASP C 95 16.61 41.66 4.93
CA ASP C 95 16.63 40.22 4.67
C ASP C 95 17.95 39.75 4.03
N GLY C 96 18.55 38.75 4.67
CA GLY C 96 19.78 38.15 4.18
C GLY C 96 20.99 39.02 4.33
N ALA C 97 20.85 40.11 5.07
CA ALA C 97 21.95 41.04 5.24
C ALA C 97 22.41 41.07 6.69
N PRO C 98 23.71 41.26 6.92
CA PRO C 98 24.23 41.32 8.30
C PRO C 98 23.64 42.51 9.08
N PRO C 99 23.49 42.34 10.41
CA PRO C 99 22.92 43.38 11.29
C PRO C 99 23.88 44.58 11.48
N SER C 100 23.30 45.78 11.49
CA SER C 100 24.07 47.00 11.63
C SER C 100 24.74 47.06 12.99
N ASN C 101 25.79 47.86 13.08
CA ASN C 101 26.57 47.94 14.30
C ASN C 101 25.71 48.27 15.49
N GLN C 102 24.73 49.14 15.27
CA GLN C 102 23.80 49.54 16.34
C GLN C 102 23.17 48.31 16.95
N ILE C 103 22.58 47.49 16.08
CA ILE C 103 21.89 46.27 16.48
C ILE C 103 22.81 45.29 17.17
N VAL C 104 24.03 45.23 16.70
CA VAL C 104 24.95 44.30 17.31
C VAL C 104 25.35 44.67 18.74
N ASP C 105 25.60 45.97 18.93
CA ASP C 105 25.99 46.49 20.24
C ASP C 105 24.82 46.36 21.23
N ASP C 106 23.63 46.74 20.75
CA ASP C 106 22.45 46.61 21.57
C ASP C 106 22.26 45.16 21.95
N TRP C 107 22.59 44.28 21.00
CA TRP C 107 22.39 42.85 21.19
C TRP C 107 23.31 42.30 22.26
N LEU C 108 24.58 42.66 22.18
CA LEU C 108 25.57 42.19 23.14
C LEU C 108 25.28 42.72 24.55
N SER C 109 24.91 44.00 24.63
CA SER C 109 24.50 44.58 25.91
C SER C 109 23.32 43.83 26.49
N LEU C 110 22.33 43.55 25.64
CA LEU C 110 21.12 42.83 26.02
C LEU C 110 21.44 41.46 26.58
N VAL C 111 22.34 40.76 25.91
CA VAL C 111 22.75 39.45 26.37
C VAL C 111 23.40 39.52 27.75
N LYS C 112 24.44 40.35 27.86
CA LYS C 112 25.21 40.41 29.10
C LYS C 112 24.37 40.85 30.30
N ILE C 113 23.44 41.76 30.05
CA ILE C 113 22.63 42.31 31.13
C ILE C 113 21.59 41.26 31.51
N LYS C 114 20.93 40.66 30.52
CA LYS C 114 19.77 39.77 30.78
C LYS C 114 20.19 38.47 31.43
N PHE C 115 21.37 37.98 31.08
CA PHE C 115 21.85 36.74 31.68
C PHE C 115 22.42 36.92 33.07
N ARG C 116 22.81 38.16 33.38
CA ARG C 116 23.22 38.43 34.75
C ARG C 116 21.98 38.65 35.61
N GLU C 117 20.98 39.31 35.04
CA GLU C 117 19.78 39.67 35.78
C GLU C 117 19.08 38.41 36.29
N GLU C 118 18.86 37.46 35.41
CA GLU C 118 18.23 36.21 35.80
C GLU C 118 19.02 35.06 35.22
N PRO C 119 20.00 34.56 35.98
CA PRO C 119 20.85 33.45 35.53
C PRO C 119 20.07 32.19 35.26
N GLY C 120 20.29 31.60 34.10
CA GLY C 120 19.66 30.35 33.73
C GLY C 120 18.46 30.51 32.81
N CYS C 121 18.09 31.75 32.49
CA CYS C 121 16.96 32.00 31.60
C CYS C 121 17.39 31.88 30.14
N CYS C 122 16.49 32.28 29.25
CA CYS C 122 16.73 32.12 27.84
C CYS C 122 16.22 33.30 27.02
N ILE C 123 16.94 33.59 25.94
CA ILE C 123 16.57 34.66 25.03
C ILE C 123 16.11 34.09 23.68
N ALA C 124 14.92 34.47 23.24
CA ALA C 124 14.40 33.88 22.01
C ALA C 124 14.46 34.83 20.81
N VAL C 125 15.00 34.31 19.72
CA VAL C 125 15.04 35.04 18.47
C VAL C 125 14.21 34.31 17.41
N HIS C 126 13.46 35.05 16.62
CA HIS C 126 12.73 34.42 15.55
C HIS C 126 12.50 35.39 14.40
N CYS C 127 12.10 34.83 13.26
CA CYS C 127 11.72 35.54 12.01
C CYS C 127 10.66 34.75 11.17
N VAL C 128 10.02 35.45 10.23
CA VAL C 128 8.97 34.84 9.42
C VAL C 128 9.64 33.98 8.34
N ALA C 129 10.88 34.30 7.98
CA ALA C 129 11.51 33.55 6.91
C ALA C 129 12.19 32.34 7.49
N GLY C 130 13.21 32.56 8.30
CA GLY C 130 13.92 31.50 8.98
C GLY C 130 15.31 31.26 8.41
N LEU C 131 16.18 30.84 9.33
CA LEU C 131 17.53 30.36 9.11
C LEU C 131 18.50 31.52 8.70
N GLY C 132 18.03 32.68 8.23
CA GLY C 132 19.00 33.74 7.96
C GLY C 132 19.41 34.69 9.09
N ARG C 133 18.48 35.55 9.48
CA ARG C 133 18.82 36.66 10.34
C ARG C 133 18.89 36.25 11.80
N ALA C 134 17.95 35.42 12.23
CA ALA C 134 17.84 34.99 13.62
C ALA C 134 19.07 34.25 14.15
N PRO C 135 19.60 33.24 13.42
CA PRO C 135 20.79 32.54 13.93
C PRO C 135 22.09 33.37 13.84
N VAL C 136 22.09 34.44 13.06
CA VAL C 136 23.27 35.27 13.01
C VAL C 136 23.49 35.94 14.38
N LEU C 137 22.46 36.57 14.94
CA LEU C 137 22.65 37.23 16.25
C LEU C 137 23.17 36.24 17.26
N VAL C 138 22.65 35.02 17.18
CA VAL C 138 23.04 33.96 18.08
C VAL C 138 24.50 33.61 17.86
N ALA C 139 24.92 33.58 16.60
CA ALA C 139 26.28 33.25 16.26
C ALA C 139 27.27 34.30 16.77
N LEU C 140 26.92 35.59 16.62
CA LEU C 140 27.71 36.71 17.12
C LEU C 140 27.88 36.57 18.63
N ALA C 141 26.80 36.30 19.34
CA ALA C 141 26.91 36.14 20.78
C ALA C 141 27.76 34.95 21.12
N LEU C 142 27.69 33.94 20.25
CA LEU C 142 28.35 32.67 20.54
C LEU C 142 29.84 32.82 20.37
N ILE C 143 30.27 33.48 19.32
CA ILE C 143 31.68 33.68 19.09
C ILE C 143 32.22 34.77 20.01
N GLU C 144 31.33 35.64 20.50
CA GLU C 144 31.71 36.66 21.45
C GLU C 144 31.90 35.99 22.81
N GLY C 145 31.39 34.78 22.97
CA GLY C 145 31.49 34.11 24.25
C GLY C 145 32.69 33.20 24.34
N GLY C 146 33.58 33.28 23.36
CA GLY C 146 34.81 32.49 23.41
C GLY C 146 34.83 31.21 22.57
N MET C 147 33.98 31.17 21.55
CA MET C 147 33.90 30.04 20.63
C MET C 147 34.46 30.47 19.28
N LYS C 148 35.18 29.57 18.59
CA LYS C 148 35.76 29.92 17.30
C LYS C 148 34.70 30.02 16.21
N TYR C 149 34.93 30.85 15.20
CA TYR C 149 33.99 31.01 14.10
C TYR C 149 33.58 29.65 13.49
N GLU C 150 34.56 28.85 13.07
CA GLU C 150 34.28 27.53 12.50
C GLU C 150 33.46 26.69 13.46
N ASP C 151 33.99 26.49 14.67
CA ASP C 151 33.35 25.63 15.68
C ASP C 151 31.91 26.07 15.97
N ALA C 152 31.68 27.38 15.93
CA ALA C 152 30.35 27.97 16.14
C ALA C 152 29.38 27.73 14.99
N VAL C 153 29.78 28.06 13.78
CA VAL C 153 28.92 27.83 12.64
C VAL C 153 28.63 26.32 12.51
N GLN C 154 29.61 25.47 12.78
CA GLN C 154 29.39 24.02 12.72
C GLN C 154 28.36 23.63 13.78
N PHE C 155 28.49 24.20 14.98
CA PHE C 155 27.55 23.90 16.06
C PHE C 155 26.13 24.37 15.73
N ILE C 156 26.05 25.42 14.93
CA ILE C 156 24.76 25.96 14.56
C ILE C 156 24.14 25.11 13.46
N ARG C 157 24.92 24.83 12.42
CA ARG C 157 24.41 24.15 11.24
C ARG C 157 24.16 22.70 11.51
N GLN C 158 24.76 22.18 12.57
CA GLN C 158 24.54 20.80 12.95
C GLN C 158 23.11 20.61 13.43
N LYS C 159 22.60 21.66 14.07
CA LYS C 159 21.24 21.60 14.58
C LYS C 159 20.24 21.94 13.49
N ARG C 160 20.61 22.86 12.58
CA ARG C 160 19.79 23.16 11.40
C ARG C 160 20.64 23.27 10.16
N ARG C 161 20.40 22.38 9.20
CA ARG C 161 21.14 22.39 7.96
C ARG C 161 20.88 23.73 7.23
N GLY C 162 21.80 24.13 6.37
CA GLY C 162 21.74 25.43 5.73
C GLY C 162 22.02 26.49 6.74
N ALA C 163 21.04 27.35 6.99
CA ALA C 163 21.14 28.30 8.10
C ALA C 163 22.06 29.47 7.86
N PHE C 164 22.68 29.57 6.71
CA PHE C 164 23.45 30.76 6.43
C PHE C 164 23.52 30.99 4.95
N ASN C 165 23.45 32.26 4.53
CA ASN C 165 23.59 32.61 3.13
C ASN C 165 24.99 33.15 2.82
N SER C 166 25.18 33.55 1.57
CA SER C 166 26.50 34.01 1.12
C SER C 166 27.01 35.18 1.98
N LYS C 167 26.20 36.24 2.09
CA LYS C 167 26.62 37.48 2.78
C LYS C 167 26.92 37.27 4.30
N GLN C 168 26.12 36.41 4.92
CA GLN C 168 26.18 36.21 6.34
C GLN C 168 27.42 35.40 6.76
N LEU C 169 27.77 34.42 5.93
CA LEU C 169 28.99 33.65 6.16
C LEU C 169 30.24 34.53 6.31
N LEU C 170 30.36 35.50 5.40
CA LEU C 170 31.47 36.45 5.37
C LEU C 170 31.41 37.33 6.62
N TYR C 171 30.23 37.89 6.92
CA TYR C 171 30.16 38.73 8.12
C TYR C 171 30.64 38.01 9.36
N LEU C 172 30.28 36.75 9.52
CA LEU C 172 30.73 36.03 10.73
C LEU C 172 32.19 35.58 10.65
N GLU C 173 32.66 35.36 9.41
CA GLU C 173 34.02 34.92 9.22
C GLU C 173 34.97 35.97 9.74
N LYS C 174 34.75 37.21 9.29
CA LYS C 174 35.71 38.26 9.54
C LYS C 174 35.37 39.10 10.79
N TYR C 175 34.33 38.73 11.52
CA TYR C 175 33.91 39.49 12.72
C TYR C 175 34.99 39.56 13.80
N ARG C 176 35.34 40.77 14.21
CA ARG C 176 36.34 40.94 15.26
C ARG C 176 35.69 40.94 16.63
N PRO C 177 35.91 39.86 17.42
CA PRO C 177 35.36 39.76 18.78
C PRO C 177 35.95 40.80 19.74
N LYS C 178 35.09 41.49 20.45
CA LYS C 178 35.53 42.48 21.42
C LYS C 178 35.78 41.82 22.80
N MET C 179 35.40 40.55 22.92
CA MET C 179 35.33 39.83 24.20
C MET C 179 34.48 40.62 25.19
N ARG C 180 33.34 41.15 24.71
CA ARG C 180 32.53 42.09 25.46
C ARG C 180 31.78 41.42 26.62
N LEU C 181 31.71 40.09 26.57
CA LEU C 181 31.07 39.33 27.64
C LEU C 181 31.94 39.31 28.91
N ARG C 182 33.10 38.65 28.82
CA ARG C 182 34.07 38.55 29.93
C ARG C 182 33.45 37.97 31.20
N MET D 1 18.33 -11.30 -15.94
CA MET D 1 16.92 -11.50 -15.64
C MET D 1 16.43 -10.46 -14.63
N GLU D 2 15.45 -10.84 -13.80
CA GLU D 2 14.83 -9.95 -12.81
C GLU D 2 15.73 -9.79 -11.60
N GLU D 3 16.36 -10.90 -11.22
CA GLU D 3 17.31 -10.90 -10.12
C GLU D 3 18.42 -9.89 -10.38
N LEU D 4 18.95 -9.90 -11.60
CA LEU D 4 20.06 -9.00 -11.93
C LEU D 4 19.63 -7.51 -11.89
N ASN D 5 18.38 -7.24 -12.23
CA ASN D 5 17.82 -5.91 -12.05
C ASN D 5 17.72 -5.51 -10.58
N ILE D 6 17.32 -6.46 -9.74
CA ILE D 6 17.21 -6.17 -8.31
C ILE D 6 18.57 -5.87 -7.74
N ILE D 7 19.55 -6.68 -8.14
CA ILE D 7 20.93 -6.54 -7.67
C ILE D 7 21.48 -5.20 -8.08
N GLN D 8 21.38 -4.86 -9.35
CA GLN D 8 21.87 -3.56 -9.79
C GLN D 8 21.17 -2.42 -9.05
N GLY D 9 19.85 -2.50 -9.01
CA GLY D 9 19.11 -1.51 -8.29
C GLY D 9 19.60 -1.32 -6.89
N ALA D 10 20.01 -2.41 -6.26
CA ALA D 10 20.40 -2.36 -4.85
C ALA D 10 21.78 -1.77 -4.67
N LEU D 11 22.65 -2.01 -5.62
CA LEU D 11 23.94 -1.35 -5.50
C LEU D 11 23.81 0.14 -5.77
N GLU D 12 22.84 0.56 -6.59
CA GLU D 12 22.75 1.99 -6.89
C GLU D 12 21.90 2.76 -5.88
N LEU D 13 21.56 2.12 -4.77
CA LEU D 13 20.93 2.84 -3.66
C LEU D 13 21.83 3.92 -3.05
N ARG D 14 23.14 3.68 -3.00
CA ARG D 14 24.11 4.68 -2.53
C ARG D 14 24.15 5.93 -3.45
N THR D 15 24.18 5.69 -4.73
CA THR D 15 24.33 6.78 -5.63
C THR D 15 23.06 7.62 -5.63
N LYS D 16 21.92 6.98 -5.83
CA LYS D 16 20.65 7.69 -6.03
C LYS D 16 20.17 8.48 -4.80
N THR D 17 19.42 9.55 -5.05
CA THR D 17 18.83 10.32 -3.93
C THR D 17 17.31 10.20 -3.92
N VAL D 18 16.69 10.75 -2.87
CA VAL D 18 15.23 10.70 -2.82
C VAL D 18 14.66 11.63 -3.85
N GLU D 19 15.48 12.55 -4.33
CA GLU D 19 14.95 13.49 -5.27
C GLU D 19 14.72 12.82 -6.61
N ASP D 20 15.39 11.68 -6.83
CA ASP D 20 15.30 10.95 -8.10
C ASP D 20 14.01 10.13 -8.17
N VAL D 21 13.61 9.50 -7.04
CA VAL D 21 12.45 8.61 -7.01
C VAL D 21 11.16 9.34 -6.57
N MET D 22 11.28 10.55 -6.03
CA MET D 22 10.14 11.25 -5.42
C MET D 22 8.97 11.59 -6.38
N THR D 23 7.82 11.90 -5.76
CA THR D 23 6.63 12.43 -6.43
C THR D 23 6.62 13.93 -6.31
N PRO D 24 6.70 14.63 -7.44
CA PRO D 24 6.71 16.10 -7.43
C PRO D 24 5.47 16.63 -6.77
N LEU D 25 5.61 17.83 -6.19
CA LEU D 25 4.53 18.45 -5.46
C LEU D 25 3.34 18.70 -6.37
N ARG D 26 3.60 19.01 -7.63
CA ARG D 26 2.47 19.37 -8.49
C ARG D 26 1.54 18.21 -8.71
N ASP D 27 2.11 17.01 -8.71
CA ASP D 27 1.39 15.77 -8.99
C ASP D 27 0.88 15.13 -7.70
N CYS D 28 1.13 15.76 -6.55
CA CYS D 28 0.66 15.19 -5.29
C CYS D 28 -0.82 15.42 -5.06
N PHE D 29 -1.52 14.39 -4.64
CA PHE D 29 -2.89 14.54 -4.22
C PHE D 29 -2.91 14.94 -2.77
N MET D 30 -3.46 16.11 -2.46
CA MET D 30 -3.49 16.66 -1.09
C MET D 30 -4.87 17.14 -0.68
N ILE D 31 -4.97 17.69 0.52
CA ILE D 31 -6.25 18.22 1.00
C ILE D 31 -6.07 19.43 1.94
N THR D 32 -6.95 20.41 1.81
CA THR D 32 -6.81 21.58 2.68
C THR D 32 -7.22 21.28 4.13
N GLY D 33 -6.57 21.92 5.09
CA GLY D 33 -6.93 21.73 6.49
C GLY D 33 -8.31 22.29 6.81
N GLU D 34 -8.72 23.23 5.96
CA GLU D 34 -9.98 23.86 6.19
C GLU D 34 -11.07 22.99 5.67
N ALA D 35 -10.73 21.82 5.15
CA ALA D 35 -11.74 20.93 4.60
C ALA D 35 -12.78 20.44 5.63
N ILE D 36 -14.02 20.29 5.20
CA ILE D 36 -15.03 19.67 6.06
C ILE D 36 -15.34 18.25 5.56
N LEU D 37 -15.36 17.26 6.47
CA LEU D 37 -15.62 15.89 6.03
C LEU D 37 -17.09 15.69 5.98
N ASP D 38 -17.60 15.74 4.77
CA ASP D 38 -18.99 15.45 4.44
C ASP D 38 -19.04 14.30 3.44
N PHE D 39 -20.23 14.02 2.91
CA PHE D 39 -20.35 12.88 2.02
C PHE D 39 -19.43 13.06 0.84
N ASN D 40 -19.50 14.24 0.24
CA ASN D 40 -18.69 14.49 -0.93
C ASN D 40 -17.21 14.41 -0.66
N THR D 41 -16.73 15.12 0.36
CA THR D 41 -15.28 15.17 0.64
C THR D 41 -14.73 13.79 0.98
N MET D 42 -15.38 13.11 1.90
CA MET D 42 -14.97 11.78 2.24
C MET D 42 -14.96 10.86 0.99
N SER D 43 -16.03 10.92 0.18
CA SER D 43 -16.08 10.09 -1.02
C SER D 43 -14.92 10.43 -1.97
N GLU D 44 -14.59 11.71 -2.15
CA GLU D 44 -13.50 12.11 -3.04
C GLU D 44 -12.16 11.54 -2.53
N ILE D 45 -11.88 11.75 -1.24
CA ILE D 45 -10.70 11.16 -0.63
C ILE D 45 -10.61 9.67 -0.95
N MET D 46 -11.70 8.96 -0.70
CA MET D 46 -11.72 7.52 -0.94
C MET D 46 -11.56 7.12 -2.40
N GLU D 47 -12.06 7.96 -3.30
CA GLU D 47 -12.00 7.73 -4.74
C GLU D 47 -10.53 7.77 -5.20
N SER D 48 -9.73 8.68 -4.62
CA SER D 48 -8.33 8.75 -5.04
C SER D 48 -7.54 7.46 -4.90
N GLY D 49 -7.91 6.61 -3.94
CA GLY D 49 -7.15 5.38 -3.75
C GLY D 49 -5.80 5.53 -3.06
N TYR D 50 -5.55 6.68 -2.46
CA TYR D 50 -4.33 6.84 -1.69
C TYR D 50 -4.59 6.54 -0.24
N THR D 51 -3.72 5.75 0.38
CA THR D 51 -3.88 5.41 1.79
C THR D 51 -3.58 6.64 2.66
N ARG D 52 -2.47 7.32 2.30
CA ARG D 52 -1.89 8.48 2.99
C ARG D 52 -1.94 9.83 2.07
N ILE D 53 -2.67 10.76 2.71
CA ILE D 53 -3.04 12.01 2.11
C ILE D 53 -2.55 13.25 2.88
N PRO D 54 -1.55 13.98 2.32
CA PRO D 54 -1.01 15.21 2.87
C PRO D 54 -2.05 16.32 3.02
N VAL D 55 -1.95 17.00 4.17
CA VAL D 55 -2.82 18.11 4.54
C VAL D 55 -1.98 19.35 4.59
N PHE D 56 -2.38 20.32 3.77
CA PHE D 56 -1.69 21.58 3.66
C PHE D 56 -2.60 22.70 4.12
N GLU D 57 -1.95 23.80 4.52
CA GLU D 57 -2.66 25.00 5.01
C GLU D 57 -2.16 26.26 4.27
N GLY D 58 -3.09 26.99 3.64
CA GLY D 58 -2.72 28.10 2.78
C GLY D 58 -2.14 27.62 1.47
N GLU D 59 -0.88 27.95 1.18
CA GLU D 59 -0.18 27.42 0.00
C GLU D 59 0.14 25.91 0.10
N ARG D 60 0.13 25.21 -1.03
CA ARG D 60 0.37 23.76 -1.00
C ARG D 60 1.77 23.44 -0.52
N SER D 61 2.70 24.36 -0.73
CA SER D 61 4.08 24.08 -0.34
C SER D 61 4.22 23.97 1.15
N ASN D 62 3.17 24.36 1.86
CA ASN D 62 3.13 24.23 3.30
C ASN D 62 2.28 23.07 3.82
N ILE D 63 2.96 22.03 4.31
CA ILE D 63 2.24 20.83 4.73
C ILE D 63 2.25 20.71 6.24
N VAL D 64 1.09 20.93 6.84
CA VAL D 64 1.00 20.92 8.28
C VAL D 64 0.61 19.57 8.91
N ASP D 65 0.00 18.65 8.16
CA ASP D 65 -0.31 17.36 8.79
C ASP D 65 -0.45 16.26 7.74
N LEU D 66 -0.76 15.05 8.20
CA LEU D 66 -0.94 13.88 7.35
C LEU D 66 -2.22 13.13 7.69
N LEU D 67 -3.06 12.85 6.70
CA LEU D 67 -4.34 12.17 6.96
C LEU D 67 -4.43 10.75 6.35
N PHE D 68 -4.42 9.72 7.21
CA PHE D 68 -4.65 8.36 6.74
C PHE D 68 -6.14 8.13 6.48
N VAL D 69 -6.50 7.21 5.60
CA VAL D 69 -7.92 7.00 5.36
C VAL D 69 -8.59 6.27 6.49
N LYS D 70 -7.82 5.51 7.24
CA LYS D 70 -8.41 4.79 8.35
C LYS D 70 -8.89 5.79 9.42
N ASP D 71 -8.45 7.03 9.32
CA ASP D 71 -8.92 8.04 10.25
C ASP D 71 -10.36 8.44 9.97
N LEU D 72 -10.89 8.10 8.79
CA LEU D 72 -12.23 8.53 8.42
C LEU D 72 -13.26 7.52 8.84
N ALA D 73 -12.81 6.54 9.61
CA ALA D 73 -13.57 5.30 9.83
C ALA D 73 -14.96 5.54 10.44
N PHE D 74 -15.01 5.97 11.67
CA PHE D 74 -16.35 6.07 12.21
C PHE D 74 -16.90 7.46 12.10
N VAL D 75 -16.23 8.31 11.33
CA VAL D 75 -16.69 9.68 11.09
C VAL D 75 -17.96 9.64 10.21
N ASP D 76 -19.00 10.37 10.63
CA ASP D 76 -20.26 10.43 9.89
C ASP D 76 -20.34 11.62 8.91
N PRO D 77 -20.77 11.35 7.68
CA PRO D 77 -20.88 12.35 6.63
C PRO D 77 -21.94 13.39 6.94
N ASP D 78 -23.03 12.98 7.57
CA ASP D 78 -24.10 13.91 7.88
C ASP D 78 -23.69 14.87 9.02
N ASP D 79 -22.64 14.52 9.78
CA ASP D 79 -22.17 15.32 10.94
C ASP D 79 -21.36 16.54 10.52
N CYS D 80 -20.83 16.51 9.31
CA CYS D 80 -19.98 17.57 8.80
C CYS D 80 -18.84 17.91 9.75
N THR D 81 -18.04 16.91 10.12
CA THR D 81 -16.94 17.13 11.07
C THR D 81 -15.70 17.75 10.41
N PRO D 82 -15.22 18.85 10.96
CA PRO D 82 -14.04 19.53 10.42
C PRO D 82 -12.82 18.62 10.41
N LEU D 83 -11.91 18.88 9.48
CA LEU D 83 -10.77 18.01 9.34
C LEU D 83 -9.81 18.21 10.51
N LYS D 84 -9.70 19.46 10.96
CA LYS D 84 -8.81 19.82 12.09
C LYS D 84 -9.10 18.92 13.28
N THR D 85 -10.38 18.66 13.51
CA THR D 85 -10.79 17.77 14.57
C THR D 85 -10.15 16.35 14.50
N ILE D 86 -10.36 15.66 13.37
CA ILE D 86 -9.83 14.31 13.17
C ILE D 86 -8.31 14.27 13.26
N THR D 87 -7.65 15.22 12.62
CA THR D 87 -6.20 15.23 12.71
C THR D 87 -5.78 15.38 14.16
N LYS D 88 -6.56 16.12 14.95
CA LYS D 88 -6.28 16.23 16.38
C LYS D 88 -6.37 14.89 17.11
N PHE D 89 -7.34 14.07 16.73
CA PHE D 89 -7.47 12.74 17.33
C PHE D 89 -6.28 11.84 17.10
N TYR D 90 -5.96 11.58 15.84
CA TYR D 90 -4.91 10.57 15.58
C TYR D 90 -3.49 11.13 15.55
N ASN D 91 -3.29 12.28 14.90
CA ASN D 91 -1.97 12.93 14.89
C ASN D 91 -0.80 11.96 14.52
N HIS D 92 -0.76 11.59 13.24
CA HIS D 92 0.29 10.76 12.64
C HIS D 92 1.53 11.57 12.40
N PRO D 93 2.69 10.97 12.67
CA PRO D 93 3.97 11.65 12.56
C PRO D 93 4.26 12.11 11.15
N LEU D 94 4.89 13.26 11.04
CA LEU D 94 5.20 13.78 9.74
C LEU D 94 6.70 13.97 9.54
N HIS D 95 7.32 13.18 8.67
CA HIS D 95 8.77 13.28 8.54
C HIS D 95 9.22 14.14 7.35
N PHE D 96 10.27 14.94 7.58
CA PHE D 96 10.87 15.76 6.51
C PHE D 96 12.31 15.39 6.22
N VAL D 97 12.56 14.91 5.03
CA VAL D 97 13.89 14.47 4.65
C VAL D 97 14.40 15.38 3.55
N PHE D 98 15.70 15.64 3.55
CA PHE D 98 16.29 16.50 2.53
C PHE D 98 16.54 15.82 1.17
N ASN D 99 16.56 16.61 0.10
CA ASN D 99 16.62 16.03 -1.25
C ASN D 99 17.92 15.31 -1.56
N ASP D 100 18.98 15.65 -0.84
CA ASP D 100 20.26 15.06 -1.14
C ASP D 100 20.42 13.73 -0.40
N THR D 101 19.35 13.30 0.26
CA THR D 101 19.40 12.09 1.04
C THR D 101 19.50 10.83 0.18
N LYS D 102 20.42 9.94 0.52
CA LYS D 102 20.60 8.75 -0.28
C LYS D 102 19.45 7.78 -0.02
N LEU D 103 19.17 6.92 -1.00
CA LEU D 103 18.07 5.94 -0.86
C LEU D 103 18.38 4.88 0.19
N ASP D 104 19.66 4.59 0.41
CA ASP D 104 20.02 3.59 1.41
C ASP D 104 19.49 4.02 2.77
N ALA D 105 19.85 5.24 3.10
CA ALA D 105 19.47 5.86 4.35
C ALA D 105 17.98 5.98 4.48
N MET D 106 17.32 6.35 3.39
CA MET D 106 15.88 6.55 3.40
C MET D 106 15.17 5.23 3.69
N LEU D 107 15.70 4.18 3.10
CA LEU D 107 15.19 2.85 3.31
C LEU D 107 15.31 2.49 4.78
N GLU D 108 16.49 2.73 5.38
CA GLU D 108 16.67 2.39 6.81
C GLU D 108 15.76 3.21 7.70
N GLU D 109 15.53 4.45 7.31
CA GLU D 109 14.67 5.34 8.08
C GLU D 109 13.22 4.90 7.95
N PHE D 110 12.87 4.20 6.88
CA PHE D 110 11.52 3.66 6.77
C PHE D 110 11.42 2.42 7.63
N LYS D 111 12.46 1.58 7.63
CA LYS D 111 12.36 0.34 8.40
C LYS D 111 12.18 0.57 9.91
N LYS D 112 13.11 1.29 10.50
CA LYS D 112 12.89 1.75 11.87
C LYS D 112 12.04 3.00 11.76
N GLY D 113 11.03 3.13 12.61
CA GLY D 113 10.07 4.20 12.47
C GLY D 113 8.84 3.66 11.78
N LYS D 114 7.70 4.21 12.14
CA LYS D 114 6.46 3.61 11.70
C LYS D 114 6.20 4.00 10.26
N SER D 115 6.36 5.29 9.99
CA SER D 115 5.86 5.92 8.76
C SER D 115 6.51 5.41 7.48
N HIS D 116 5.66 5.20 6.46
CA HIS D 116 6.05 4.83 5.10
C HIS D 116 6.12 6.05 4.16
N LEU D 117 5.90 7.25 4.69
CA LEU D 117 5.88 8.45 3.87
C LEU D 117 6.84 9.52 4.42
N ALA D 118 7.42 10.32 3.53
CA ALA D 118 8.30 11.40 3.96
C ALA D 118 8.15 12.57 3.06
N ILE D 119 8.40 13.76 3.59
CA ILE D 119 8.32 14.92 2.73
C ILE D 119 9.71 15.35 2.25
N VAL D 120 9.84 15.60 0.97
CA VAL D 120 11.09 16.08 0.40
C VAL D 120 11.21 17.58 0.41
N GLN D 121 12.31 18.05 0.99
CA GLN D 121 12.61 19.49 1.04
C GLN D 121 14.08 19.72 0.74
N ARG D 122 14.38 20.92 0.24
CA ARG D 122 15.74 21.34 -0.07
C ARG D 122 16.02 22.74 0.48
N VAL D 123 17.29 23.04 0.71
CA VAL D 123 17.75 24.34 1.18
C VAL D 123 17.89 25.31 0.04
N ASN D 124 17.18 26.43 0.09
CA ASN D 124 17.30 27.41 -0.96
C ASN D 124 18.38 28.45 -0.61
N ASN D 125 19.53 28.36 -1.29
CA ASN D 125 20.66 29.23 -0.98
C ASN D 125 20.83 30.45 -1.87
N GLU D 126 19.90 30.66 -2.81
CA GLU D 126 19.94 31.81 -3.70
C GLU D 126 20.04 33.14 -2.93
N GLY D 127 20.83 34.06 -3.48
CA GLY D 127 21.07 35.34 -2.83
C GLY D 127 20.00 36.37 -3.13
N GLU D 128 19.91 37.39 -2.30
CA GLU D 128 20.70 37.48 -1.07
C GLU D 128 19.81 37.11 0.12
N GLY D 129 18.55 36.77 -0.15
CA GLY D 129 17.60 36.45 0.90
C GLY D 129 18.02 35.32 1.83
N ASP D 130 17.37 35.30 2.99
CA ASP D 130 17.61 34.26 4.00
C ASP D 130 17.36 32.91 3.43
N PRO D 131 18.29 31.97 3.66
CA PRO D 131 18.07 30.60 3.19
C PRO D 131 16.86 29.97 3.82
N PHE D 132 15.99 29.34 3.02
CA PHE D 132 14.80 28.69 3.56
C PHE D 132 14.64 27.29 3.02
N TYR D 133 13.81 26.48 3.66
CA TYR D 133 13.50 25.16 3.12
C TYR D 133 12.37 25.21 2.04
N GLU D 134 12.51 24.37 1.03
CA GLU D 134 11.55 24.36 -0.05
C GLU D 134 11.01 22.94 -0.26
N VAL D 135 9.72 22.75 -0.03
CA VAL D 135 9.09 21.45 -0.21
C VAL D 135 8.89 21.16 -1.70
N LEU D 136 9.54 20.06 -2.14
CA LEU D 136 9.48 19.60 -3.53
C LEU D 136 8.39 18.57 -3.84
N GLY D 137 8.00 17.80 -2.83
CA GLY D 137 6.99 16.76 -2.98
C GLY D 137 7.14 15.67 -1.93
N ILE D 138 6.68 14.45 -2.24
CA ILE D 138 6.74 13.38 -1.25
C ILE D 138 7.54 12.22 -1.79
N VAL D 139 8.01 11.37 -0.88
CA VAL D 139 8.65 10.08 -1.21
C VAL D 139 8.19 8.97 -0.25
N THR D 140 7.74 7.84 -0.81
CA THR D 140 7.24 6.75 0.02
C THR D 140 8.09 5.51 -0.11
N LEU D 141 7.75 4.48 0.65
CA LEU D 141 8.51 3.24 0.64
C LEU D 141 8.41 2.62 -0.73
N GLU D 142 7.22 2.69 -1.30
CA GLU D 142 6.97 2.04 -2.59
C GLU D 142 7.84 2.71 -3.62
N ASP D 143 8.24 3.94 -3.37
CA ASP D 143 9.13 4.63 -4.31
C ASP D 143 10.53 3.98 -4.39
N VAL D 144 11.15 3.88 -3.21
CA VAL D 144 12.48 3.34 -3.06
C VAL D 144 12.46 1.85 -3.40
N ILE D 145 11.34 1.20 -3.18
CA ILE D 145 11.16 -0.19 -3.60
C ILE D 145 11.13 -0.30 -5.13
N GLU D 146 10.34 0.56 -5.75
CA GLU D 146 10.28 0.58 -7.21
C GLU D 146 11.68 0.75 -7.83
N GLU D 147 12.50 1.69 -7.35
CA GLU D 147 13.90 1.84 -7.91
C GLU D 147 14.75 0.61 -7.87
N ILE D 148 14.55 -0.18 -6.83
CA ILE D 148 15.37 -1.35 -6.57
C ILE D 148 14.74 -2.64 -7.07
N ILE D 149 13.54 -2.65 -7.68
CA ILE D 149 13.10 -3.76 -8.57
C ILE D 149 12.87 -3.38 -10.02
N LYS D 150 13.36 -2.18 -10.36
CA LYS D 150 13.44 -1.62 -11.71
C LYS D 150 12.06 -1.72 -12.36
#